data_4EJR
#
_entry.id   4EJR
#
_cell.length_a   125.734
_cell.length_b   48.362
_cell.length_c   65.163
_cell.angle_alpha   90.00
_cell.angle_beta   100.95
_cell.angle_gamma   90.00
#
_symmetry.space_group_name_H-M   'C 1 2 1'
#
loop_
_entity.id
_entity.type
_entity.pdbx_description
1 polymer 'Major capsid protein VP60'
2 water water
#
_entity_poly.entity_id   1
_entity_poly.type   'polypeptide(L)'
_entity_poly.pdbx_seq_one_letter_code
;MGHHHHHHHHSSGENLYFQGSKLEFMEGKTRTAPQGEAAGTATTASVPGTTTDGMDPGVVAATSVVTAENSSASVATAGI
GGPPQQVDQQETWRTNFYYNDVFTWSVADAPGSILYTVQHSPQNNPFTAVLSQMYAGWAGGMQFRFIVAGSGVFGGRLVA
AVIPPGIEIGPGLEVRQFPHVVIDARSLEPVTITMPDLRPNMYHPTGDPGLVPTLVLSVYNNLINPFGGSTNAIQVTVET
RPSDDFEFVMIRAPS
;
_entity_poly.pdbx_strand_id   A,B
#
# COMPACT_ATOMS: atom_id res chain seq x y z
N THR A 92 -10.15 -12.96 11.74
CA THR A 92 -9.75 -11.96 12.71
C THR A 92 -8.57 -11.16 12.20
N TRP A 93 -7.91 -10.47 13.13
CA TRP A 93 -6.75 -9.69 12.79
C TRP A 93 -5.57 -10.62 12.57
N ARG A 94 -5.60 -11.78 13.23
CA ARG A 94 -4.49 -12.72 13.15
C ARG A 94 -4.48 -13.64 11.93
N THR A 95 -5.43 -13.46 11.03
CA THR A 95 -5.46 -14.26 9.82
C THR A 95 -5.10 -13.42 8.60
N ASN A 96 -5.26 -12.10 8.74
CA ASN A 96 -4.90 -11.14 7.68
C ASN A 96 -3.47 -10.54 7.88
N PHE A 97 -2.83 -10.15 6.78
CA PHE A 97 -1.56 -9.45 6.84
C PHE A 97 -1.94 -7.99 6.99
N TYR A 98 -1.13 -7.24 7.71
CA TYR A 98 -1.38 -5.81 7.90
C TYR A 98 -0.09 -5.03 7.69
N TYR A 99 -0.24 -3.84 7.12
CA TYR A 99 0.90 -2.99 6.86
C TYR A 99 1.74 -2.73 8.09
N ASN A 100 3.02 -3.06 8.01
CA ASN A 100 3.97 -2.69 9.10
C ASN A 100 4.94 -1.56 8.75
N ASP A 101 5.47 -1.51 7.53
CA ASP A 101 6.55 -0.57 7.25
C ASP A 101 6.83 -0.55 5.78
N VAL A 102 7.80 0.24 5.37
CA VAL A 102 8.17 0.36 3.94
C VAL A 102 9.64 0.75 3.93
N PHE A 103 10.33 0.32 2.89
CA PHE A 103 11.66 0.71 2.71
C PHE A 103 11.97 0.97 1.25
N THR A 104 13.05 1.72 1.05
CA THR A 104 13.47 2.09 -0.28
C THR A 104 14.62 1.22 -0.80
N TRP A 105 14.54 0.84 -2.07
CA TRP A 105 15.65 0.15 -2.73
C TRP A 105 16.02 0.96 -3.97
N SER A 106 17.29 1.40 -3.99
CA SER A 106 17.71 2.24 -5.11
C SER A 106 18.85 1.56 -5.85
N VAL A 107 19.09 2.03 -7.08
CA VAL A 107 20.20 1.52 -7.85
C VAL A 107 21.53 1.75 -7.18
N ALA A 108 21.61 2.69 -6.21
CA ALA A 108 22.90 2.93 -5.54
C ALA A 108 23.27 1.87 -4.49
N ASP A 109 22.28 1.11 -4.03
CA ASP A 109 22.49 0.14 -2.96
C ASP A 109 23.26 -1.09 -3.50
N ALA A 110 24.53 -1.25 -3.09
CA ALA A 110 25.36 -2.23 -3.74
C ALA A 110 25.16 -3.61 -3.06
N PRO A 111 25.55 -4.69 -3.75
CA PRO A 111 25.41 -6.03 -3.15
C PRO A 111 26.04 -6.08 -1.78
N GLY A 112 25.35 -6.80 -0.88
CA GLY A 112 25.64 -6.79 0.53
C GLY A 112 25.08 -5.67 1.38
N SER A 113 24.47 -4.62 0.79
CA SER A 113 23.83 -3.55 1.62
C SER A 113 22.62 -4.14 2.34
N ILE A 114 22.36 -3.71 3.57
CA ILE A 114 21.19 -4.09 4.34
C ILE A 114 20.13 -2.96 4.24
N LEU A 115 18.96 -3.27 3.72
CA LEU A 115 17.97 -2.25 3.42
C LEU A 115 16.89 -2.28 4.46
N TYR A 116 16.79 -3.39 5.20
CA TYR A 116 15.69 -3.47 6.19
C TYR A 116 16.09 -4.47 7.23
N THR A 117 15.89 -4.16 8.51
CA THR A 117 16.14 -5.13 9.53
C THR A 117 15.22 -4.96 10.71
N VAL A 118 14.85 -6.06 11.35
CA VAL A 118 13.94 -5.92 12.48
C VAL A 118 14.16 -7.15 13.39
N GLN A 119 14.22 -6.92 14.71
CA GLN A 119 14.24 -8.01 15.73
C GLN A 119 12.84 -8.69 15.78
N HIS A 120 12.77 -10.02 15.88
CA HIS A 120 11.48 -10.76 16.04
C HIS A 120 10.78 -10.29 17.30
N SER A 121 9.59 -9.71 17.19
CA SER A 121 8.98 -9.12 18.36
C SER A 121 7.46 -8.90 18.02
N PRO A 122 6.61 -8.84 19.06
CA PRO A 122 5.22 -8.48 18.85
C PRO A 122 5.04 -7.04 18.37
N GLN A 123 6.03 -6.16 18.55
CA GLN A 123 5.95 -4.80 18.03
C GLN A 123 5.91 -4.75 16.48
N ASN A 124 6.14 -5.89 15.78
CA ASN A 124 6.19 -5.83 14.28
C ASN A 124 4.81 -6.01 13.61
N ASN A 125 3.72 -6.05 14.39
CA ASN A 125 2.36 -6.11 13.87
C ASN A 125 1.53 -5.20 14.73
N PRO A 126 0.59 -4.47 14.12
CA PRO A 126 -0.02 -3.48 14.98
C PRO A 126 -0.95 -4.06 16.04
N PHE A 127 -1.47 -5.24 15.81
CA PHE A 127 -2.36 -5.83 16.80
C PHE A 127 -1.61 -6.54 17.89
N THR A 128 -0.59 -7.34 17.55
CA THR A 128 0.23 -7.94 18.58
C THR A 128 0.95 -6.79 19.37
N ALA A 129 1.29 -5.68 18.70
CA ALA A 129 1.92 -4.58 19.49
C ALA A 129 0.96 -4.09 20.60
N VAL A 130 -0.33 -3.99 20.28
CA VAL A 130 -1.25 -3.57 21.31
C VAL A 130 -1.43 -4.60 22.43
N LEU A 131 -1.61 -5.86 22.05
CA LEU A 131 -1.89 -6.88 23.01
C LEU A 131 -0.69 -7.20 23.88
N SER A 132 0.53 -7.05 23.33
CA SER A 132 1.72 -7.28 24.12
C SER A 132 1.78 -6.34 25.36
N GLN A 133 1.02 -5.26 25.39
CA GLN A 133 1.07 -4.43 26.60
C GLN A 133 0.32 -5.06 27.81
N MET A 134 -0.54 -6.02 27.56
CA MET A 134 -1.21 -6.66 28.70
C MET A 134 -0.76 -8.09 29.01
N TYR A 135 0.25 -8.60 28.31
CA TYR A 135 0.91 -9.90 28.59
C TYR A 135 2.41 -9.77 28.83
N ALA A 136 2.93 -10.64 29.71
CA ALA A 136 4.36 -10.65 30.01
C ALA A 136 5.16 -11.50 29.04
N GLY A 137 4.51 -12.40 28.33
CA GLY A 137 5.24 -13.38 27.56
C GLY A 137 4.57 -13.66 26.22
N TRP A 138 5.34 -14.23 25.32
CA TRP A 138 4.79 -14.67 24.02
C TRP A 138 5.65 -15.76 23.38
N ALA A 139 5.17 -16.40 22.32
CA ALA A 139 5.96 -17.37 21.66
C ALA A 139 5.46 -17.42 20.25
N GLY A 140 6.20 -18.13 19.38
CA GLY A 140 5.72 -18.53 18.00
C GLY A 140 6.31 -17.61 16.91
N GLY A 141 5.86 -17.82 15.66
CA GLY A 141 6.46 -17.16 14.48
C GLY A 141 5.70 -15.90 14.00
N MET A 142 6.31 -15.13 13.10
CA MET A 142 5.57 -14.02 12.49
C MET A 142 5.93 -14.06 11.02
N GLN A 143 4.92 -13.94 10.18
CA GLN A 143 5.14 -13.91 8.71
C GLN A 143 5.31 -12.48 8.27
N PHE A 144 6.23 -12.29 7.33
CA PHE A 144 6.52 -10.96 6.73
C PHE A 144 6.31 -11.05 5.23
N ARG A 145 5.48 -10.20 4.64
CA ARG A 145 5.20 -10.32 3.25
C ARG A 145 5.72 -9.04 2.68
N PHE A 146 6.53 -9.15 1.65
CA PHE A 146 7.14 -8.00 0.93
C PHE A 146 6.54 -7.86 -0.44
N ILE A 147 6.07 -6.68 -0.77
CA ILE A 147 5.68 -6.46 -2.14
C ILE A 147 6.65 -5.41 -2.72
N VAL A 148 7.35 -5.78 -3.75
CA VAL A 148 8.32 -4.89 -4.45
C VAL A 148 7.56 -4.09 -5.51
N ALA A 149 7.64 -2.78 -5.45
CA ALA A 149 6.85 -2.00 -6.42
C ALA A 149 7.64 -1.69 -7.68
N GLY A 150 8.11 -2.72 -8.38
CA GLY A 150 8.99 -2.56 -9.54
C GLY A 150 8.28 -2.93 -10.84
N SER A 151 6.95 -2.96 -10.76
CA SER A 151 6.08 -3.26 -11.92
C SER A 151 6.47 -4.48 -12.72
N GLY A 152 7.03 -5.49 -12.03
CA GLY A 152 7.69 -6.67 -12.68
C GLY A 152 8.69 -6.37 -13.78
N VAL A 153 9.34 -5.23 -13.69
CA VAL A 153 10.15 -4.71 -14.76
C VAL A 153 11.59 -4.57 -14.30
N PHE A 154 11.83 -4.08 -13.09
CA PHE A 154 13.22 -3.84 -12.66
C PHE A 154 13.96 -5.14 -12.52
N GLY A 155 15.26 -5.08 -12.78
CA GLY A 155 16.10 -6.22 -12.47
C GLY A 155 16.65 -6.09 -11.04
N GLY A 156 17.11 -7.20 -10.44
CA GLY A 156 17.75 -7.21 -9.13
C GLY A 156 17.10 -8.16 -8.14
N ARG A 157 17.76 -8.39 -7.01
CA ARG A 157 17.32 -9.36 -5.99
C ARG A 157 17.84 -8.99 -4.62
N LEU A 158 16.96 -9.21 -3.64
CA LEU A 158 17.26 -9.17 -2.24
C LEU A 158 17.18 -10.58 -1.67
N VAL A 159 17.90 -10.82 -0.58
CA VAL A 159 17.72 -12.02 0.18
C VAL A 159 17.17 -11.57 1.56
N ALA A 160 16.04 -12.15 1.97
CA ALA A 160 15.55 -11.96 3.35
C ALA A 160 15.99 -13.18 4.15
N ALA A 161 16.70 -12.94 5.24
CA ALA A 161 17.23 -14.01 6.03
C ALA A 161 16.97 -13.82 7.50
N VAL A 162 16.71 -14.96 8.13
CA VAL A 162 16.58 -15.01 9.57
C VAL A 162 17.89 -15.36 10.23
N ILE A 163 18.38 -14.41 11.02
CA ILE A 163 19.65 -14.49 11.66
C ILE A 163 19.44 -14.91 13.11
N PRO A 164 20.03 -16.05 13.55
CA PRO A 164 20.02 -16.44 14.98
C PRO A 164 20.43 -15.29 15.94
N PRO A 165 19.95 -15.30 17.18
CA PRO A 165 20.39 -14.30 18.17
C PRO A 165 21.93 -14.20 18.40
N GLY A 166 22.40 -12.97 18.61
CA GLY A 166 23.80 -12.67 18.94
C GLY A 166 24.82 -12.97 17.84
N ILE A 167 24.33 -13.08 16.61
CA ILE A 167 25.13 -13.00 15.40
C ILE A 167 24.81 -11.62 14.83
N GLU A 168 25.81 -10.76 14.71
CA GLU A 168 25.57 -9.45 14.09
C GLU A 168 25.97 -9.62 12.66
N ILE A 169 25.23 -8.93 11.77
CA ILE A 169 25.42 -9.09 10.34
C ILE A 169 26.08 -7.84 9.70
N GLY A 170 27.14 -8.05 8.91
CA GLY A 170 27.83 -6.94 8.25
C GLY A 170 27.37 -6.87 6.80
N PRO A 171 28.06 -6.05 5.98
CA PRO A 171 27.64 -5.94 4.56
C PRO A 171 28.34 -6.95 3.59
N GLY A 172 29.52 -7.44 3.94
CA GLY A 172 30.10 -8.57 3.20
C GLY A 172 29.56 -9.92 3.66
N LEU A 173 28.62 -9.89 4.59
CA LEU A 173 28.17 -11.10 5.34
C LEU A 173 27.31 -11.99 4.44
N GLU A 174 27.72 -13.25 4.30
CA GLU A 174 26.94 -14.31 3.70
C GLU A 174 25.73 -14.55 4.61
N VAL A 175 24.54 -14.65 4.00
CA VAL A 175 23.33 -14.99 4.75
C VAL A 175 22.61 -16.27 4.27
N ARG A 176 22.96 -16.77 3.08
CA ARG A 176 22.26 -17.91 2.55
C ARG A 176 22.45 -19.17 3.35
N GLN A 177 23.39 -19.17 4.28
CA GLN A 177 23.52 -20.32 5.19
C GLN A 177 22.42 -20.28 6.23
N PHE A 178 21.73 -19.15 6.31
CA PHE A 178 20.61 -19.01 7.27
C PHE A 178 19.27 -19.25 6.52
N PRO A 179 18.22 -19.58 7.25
CA PRO A 179 16.96 -19.78 6.57
C PRO A 179 16.65 -18.45 5.88
N HIS A 180 16.37 -18.50 4.59
CA HIS A 180 16.22 -17.28 3.84
C HIS A 180 15.31 -17.49 2.66
N VAL A 181 14.77 -16.39 2.09
CA VAL A 181 14.00 -16.47 0.84
C VAL A 181 14.53 -15.40 -0.06
N VAL A 182 14.41 -15.61 -1.34
CA VAL A 182 14.97 -14.66 -2.32
C VAL A 182 13.84 -13.74 -2.80
N ILE A 183 14.10 -12.45 -2.96
CA ILE A 183 13.08 -11.54 -3.45
C ILE A 183 13.52 -10.89 -4.75
N ASP A 184 12.88 -11.25 -5.86
CA ASP A 184 13.26 -10.69 -7.16
C ASP A 184 12.56 -9.39 -7.46
N ALA A 185 13.28 -8.37 -7.95
CA ALA A 185 12.67 -7.10 -8.27
C ALA A 185 11.62 -7.32 -9.37
N ARG A 186 11.73 -8.35 -10.17
CA ARG A 186 10.77 -8.41 -11.24
C ARG A 186 9.49 -9.18 -10.86
N SER A 187 9.36 -9.55 -9.58
CA SER A 187 8.17 -10.30 -9.25
C SER A 187 7.02 -9.38 -8.95
N LEU A 188 5.93 -9.78 -9.54
CA LEU A 188 4.59 -9.20 -9.42
C LEU A 188 3.99 -9.62 -8.05
N GLU A 189 4.20 -10.89 -7.70
CA GLU A 189 3.55 -11.40 -6.53
C GLU A 189 4.31 -11.02 -5.26
N PRO A 190 3.64 -11.05 -4.11
CA PRO A 190 4.28 -10.88 -2.82
C PRO A 190 5.17 -12.07 -2.52
N VAL A 191 6.21 -11.80 -1.77
CA VAL A 191 7.09 -12.85 -1.30
C VAL A 191 7.01 -12.85 0.21
N THR A 192 6.75 -13.98 0.82
CA THR A 192 6.52 -14.04 2.30
C THR A 192 7.61 -14.88 2.94
N ILE A 193 8.06 -14.49 4.12
CA ILE A 193 9.10 -15.27 4.81
C ILE A 193 8.54 -15.47 6.23
N THR A 194 8.81 -16.61 6.86
CA THR A 194 8.36 -16.84 8.25
C THR A 194 9.57 -16.59 9.10
N MET A 195 9.46 -15.66 10.05
CA MET A 195 10.41 -15.57 11.11
C MET A 195 9.89 -16.43 12.25
N PRO A 196 10.55 -17.57 12.50
CA PRO A 196 10.02 -18.54 13.44
C PRO A 196 10.48 -18.27 14.84
N ASP A 197 9.82 -18.85 15.81
CA ASP A 197 10.41 -18.86 17.17
C ASP A 197 11.57 -19.86 17.16
N LEU A 198 12.77 -19.35 17.29
CA LEU A 198 13.98 -20.19 17.43
C LEU A 198 14.20 -20.85 18.81
N ARG A 199 13.40 -20.51 19.82
CA ARG A 199 13.55 -21.08 21.18
C ARG A 199 12.23 -21.63 21.63
N PRO A 200 11.68 -22.60 20.90
CA PRO A 200 10.30 -23.01 21.18
C PRO A 200 10.13 -23.51 22.65
N ASN A 201 11.27 -23.67 23.32
CA ASN A 201 11.45 -24.14 24.72
C ASN A 201 11.12 -23.21 25.89
N MET A 202 10.95 -21.92 25.64
CA MET A 202 10.83 -20.94 26.71
C MET A 202 10.02 -19.76 26.13
N TYR A 203 8.96 -19.37 26.82
CA TYR A 203 8.28 -18.16 26.46
C TYR A 203 9.24 -16.96 26.47
N HIS A 204 9.02 -16.06 25.55
CA HIS A 204 9.87 -14.84 25.48
C HIS A 204 9.15 -13.67 26.14
N PRO A 205 9.92 -12.78 26.76
CA PRO A 205 9.30 -11.58 27.34
C PRO A 205 8.80 -10.57 26.31
N THR A 206 7.69 -9.90 26.63
CA THR A 206 7.21 -8.88 25.78
C THR A 206 7.96 -7.60 26.17
N GLY A 207 8.53 -7.59 27.36
CA GLY A 207 9.38 -6.48 27.86
C GLY A 207 10.80 -6.50 27.25
N ASP A 208 11.81 -6.22 28.07
CA ASP A 208 13.24 -6.41 27.66
C ASP A 208 13.46 -7.80 26.95
N PRO A 209 13.71 -7.78 25.63
CA PRO A 209 13.44 -8.99 24.80
C PRO A 209 14.32 -10.23 24.99
N GLY A 210 15.48 -10.04 25.64
CA GLY A 210 16.51 -11.06 25.62
C GLY A 210 16.98 -11.36 24.18
N LEU A 211 17.13 -12.64 23.90
CA LEU A 211 17.95 -13.13 22.78
C LEU A 211 16.98 -13.71 21.78
N VAL A 212 16.76 -12.92 20.70
CA VAL A 212 15.79 -13.25 19.67
C VAL A 212 16.36 -13.13 18.24
N PRO A 213 15.79 -13.85 17.28
CA PRO A 213 16.32 -13.74 15.90
C PRO A 213 16.04 -12.40 15.26
N THR A 214 16.84 -12.09 14.25
CA THR A 214 16.71 -10.87 13.52
C THR A 214 16.39 -11.17 12.03
N LEU A 215 15.42 -10.45 11.46
CA LEU A 215 15.16 -10.52 10.04
C LEU A 215 16.01 -9.42 9.35
N VAL A 216 16.72 -9.81 8.29
CA VAL A 216 17.57 -8.89 7.58
C VAL A 216 17.35 -9.12 6.09
N LEU A 217 17.20 -7.99 5.38
CA LEU A 217 17.00 -7.94 3.96
C LEU A 217 18.26 -7.31 3.36
N SER A 218 19.01 -8.08 2.58
CA SER A 218 20.24 -7.54 1.91
C SER A 218 20.22 -7.65 0.37
N VAL A 219 20.90 -6.72 -0.29
CA VAL A 219 20.97 -6.72 -1.73
C VAL A 219 21.86 -7.87 -2.12
N TYR A 220 21.34 -8.70 -2.99
CA TYR A 220 22.07 -9.82 -3.56
C TYR A 220 22.52 -9.51 -4.98
N ASN A 221 21.60 -9.03 -5.82
CA ASN A 221 21.95 -8.43 -7.08
C ASN A 221 21.45 -6.99 -7.12
N ASN A 222 22.28 -6.07 -7.64
CA ASN A 222 21.90 -4.66 -7.81
C ASN A 222 20.57 -4.44 -8.56
N LEU A 223 19.74 -3.53 -8.04
CA LEU A 223 18.57 -3.03 -8.73
C LEU A 223 19.02 -2.39 -10.02
N ILE A 224 18.34 -2.72 -11.12
CA ILE A 224 18.70 -2.22 -12.44
C ILE A 224 17.46 -1.61 -13.03
N ASN A 225 17.57 -0.36 -13.42
CA ASN A 225 16.49 0.28 -14.13
C ASN A 225 16.83 0.09 -15.63
N PRO A 226 16.28 -0.89 -16.32
CA PRO A 226 16.63 -1.02 -17.72
C PRO A 226 16.03 0.20 -18.43
N PHE A 227 16.74 0.72 -19.40
CA PHE A 227 16.31 1.91 -20.10
C PHE A 227 16.23 3.15 -19.22
N GLY A 228 15.56 4.16 -19.73
CA GLY A 228 15.46 5.39 -19.01
C GLY A 228 14.99 5.27 -17.58
N GLY A 229 15.50 6.15 -16.75
CA GLY A 229 15.12 6.24 -15.36
C GLY A 229 13.73 6.87 -15.45
N SER A 230 13.52 8.06 -14.89
CA SER A 230 14.48 8.72 -14.08
C SER A 230 14.07 8.17 -12.72
N THR A 231 13.42 7.04 -12.75
CA THR A 231 13.01 6.39 -11.53
C THR A 231 14.13 5.43 -11.21
N ASN A 232 14.91 5.82 -10.26
CA ASN A 232 16.07 5.01 -9.90
C ASN A 232 15.95 4.35 -8.56
N ALA A 233 14.75 4.47 -7.97
CA ALA A 233 14.53 3.93 -6.65
C ALA A 233 13.11 3.42 -6.62
N ILE A 234 12.87 2.32 -5.94
CA ILE A 234 11.51 1.79 -5.77
C ILE A 234 11.28 1.46 -4.32
N GLN A 235 10.01 1.31 -3.97
CA GLN A 235 9.70 0.97 -2.61
C GLN A 235 9.23 -0.46 -2.43
N VAL A 236 9.45 -0.97 -1.23
CA VAL A 236 9.09 -2.32 -0.92
C VAL A 236 8.24 -2.21 0.30
N THR A 237 6.97 -2.61 0.23
CA THR A 237 6.16 -2.57 1.45
C THR A 237 6.35 -3.86 2.30
N VAL A 238 6.18 -3.73 3.62
CA VAL A 238 6.35 -4.82 4.53
C VAL A 238 5.02 -4.96 5.26
N GLU A 239 4.44 -6.14 5.21
CA GLU A 239 3.21 -6.42 5.99
C GLU A 239 3.43 -7.65 6.83
N THR A 240 2.77 -7.74 8.01
CA THR A 240 2.99 -8.89 8.83
C THR A 240 1.67 -9.57 9.29
N ARG A 241 1.79 -10.84 9.65
CA ARG A 241 0.75 -11.45 10.46
C ARG A 241 1.38 -12.51 11.36
N PRO A 242 0.77 -12.70 12.55
CA PRO A 242 1.23 -13.71 13.48
C PRO A 242 1.16 -15.06 12.78
N SER A 243 2.14 -15.91 13.02
CA SER A 243 2.00 -17.28 12.54
C SER A 243 0.89 -17.98 13.33
N ASP A 244 0.53 -19.16 12.86
CA ASP A 244 -0.51 -19.97 13.50
C ASP A 244 -0.08 -20.43 14.89
N ASP A 245 1.23 -20.52 15.16
CA ASP A 245 1.69 -20.85 16.50
C ASP A 245 1.95 -19.64 17.41
N PHE A 246 1.59 -18.43 16.98
CA PHE A 246 1.88 -17.26 17.80
C PHE A 246 0.97 -17.30 19.02
N GLU A 247 1.49 -17.00 20.22
CA GLU A 247 0.60 -16.91 21.40
C GLU A 247 1.10 -15.86 22.37
N PHE A 248 0.20 -15.35 23.18
CA PHE A 248 0.50 -14.47 24.29
C PHE A 248 0.15 -15.26 25.55
N VAL A 249 0.94 -15.09 26.57
CA VAL A 249 0.75 -15.74 27.83
C VAL A 249 1.19 -14.84 28.97
N MET A 250 0.70 -15.21 30.14
CA MET A 250 0.99 -14.58 31.39
C MET A 250 0.53 -13.12 31.49
N ILE A 251 -0.72 -12.92 31.90
CA ILE A 251 -1.30 -11.61 32.07
C ILE A 251 -0.35 -10.78 32.89
N ARG A 252 -0.11 -9.59 32.43
CA ARG A 252 0.86 -8.73 33.03
C ARG A 252 0.33 -7.93 34.16
N ALA A 253 1.07 -7.90 35.26
CA ALA A 253 0.62 -7.18 36.45
C ALA A 253 0.65 -5.68 36.10
N PRO A 254 -0.46 -4.98 36.23
CA PRO A 254 -0.39 -3.57 35.82
C PRO A 254 0.14 -2.58 36.93
N THR B 92 -31.07 5.49 -0.93
CA THR B 92 -31.11 6.25 -2.24
C THR B 92 -29.93 7.17 -2.49
N TRP B 93 -29.28 7.62 -1.43
CA TRP B 93 -27.99 8.28 -1.54
C TRP B 93 -26.95 7.21 -1.82
N ARG B 94 -27.33 5.97 -1.61
CA ARG B 94 -26.41 4.89 -1.87
C ARG B 94 -26.51 4.38 -3.30
N THR B 95 -27.61 4.69 -3.99
CA THR B 95 -27.83 3.89 -5.20
C THR B 95 -27.33 4.55 -6.47
N ASN B 96 -27.28 5.87 -6.48
CA ASN B 96 -26.82 6.67 -7.57
C ASN B 96 -25.42 7.30 -7.32
N PHE B 97 -24.77 7.68 -8.44
CA PHE B 97 -23.56 8.45 -8.45
C PHE B 97 -23.97 9.89 -8.37
N TYR B 98 -23.15 10.68 -7.69
CA TYR B 98 -23.40 12.07 -7.50
C TYR B 98 -22.12 12.77 -7.70
N TYR B 99 -22.26 13.94 -8.28
CA TYR B 99 -21.13 14.86 -8.43
C TYR B 99 -20.29 15.03 -7.17
N ASN B 100 -18.96 14.86 -7.27
CA ASN B 100 -18.03 15.13 -6.19
C ASN B 100 -17.04 16.20 -6.55
N ASP B 101 -16.51 16.18 -7.77
CA ASP B 101 -15.49 17.18 -8.07
C ASP B 101 -15.16 17.22 -9.55
N VAL B 102 -14.16 17.95 -9.93
CA VAL B 102 -13.83 18.08 -11.40
C VAL B 102 -12.38 18.41 -11.42
N PHE B 103 -11.69 17.99 -12.51
CA PHE B 103 -10.30 18.36 -12.71
C PHE B 103 -9.96 18.63 -14.21
N THR B 104 -8.87 19.37 -14.44
CA THR B 104 -8.45 19.74 -15.79
C THR B 104 -7.29 18.85 -16.29
N TRP B 105 -7.37 18.55 -17.58
CA TRP B 105 -6.41 17.72 -18.23
C TRP B 105 -6.07 18.51 -19.45
N SER B 106 -4.80 18.87 -19.54
CA SER B 106 -4.40 19.73 -20.63
C SER B 106 -3.34 19.06 -21.51
N VAL B 107 -3.13 19.58 -22.71
CA VAL B 107 -2.08 19.07 -23.58
C VAL B 107 -0.72 19.34 -22.93
N ALA B 108 -0.65 20.30 -22.01
CA ALA B 108 0.67 20.57 -21.38
C ALA B 108 1.06 19.46 -20.38
N ASP B 109 0.07 18.71 -19.90
CA ASP B 109 0.41 17.65 -18.82
C ASP B 109 1.10 16.46 -19.42
N ALA B 110 2.45 16.37 -19.26
CA ALA B 110 3.19 15.27 -19.90
C ALA B 110 2.86 13.97 -19.17
N PRO B 111 3.08 12.86 -19.85
CA PRO B 111 2.96 11.55 -19.14
C PRO B 111 3.69 11.47 -17.80
N GLY B 112 3.02 10.86 -16.84
CA GLY B 112 3.51 10.83 -15.42
C GLY B 112 2.95 11.95 -14.52
N SER B 113 2.31 12.95 -15.13
CA SER B 113 1.76 14.07 -14.36
C SER B 113 0.65 13.44 -13.52
N ILE B 114 0.47 13.91 -12.30
CA ILE B 114 -0.69 13.57 -11.44
C ILE B 114 -1.74 14.65 -11.54
N LEU B 115 -2.95 14.34 -12.04
CA LEU B 115 -3.98 15.38 -12.15
C LEU B 115 -5.02 15.42 -11.04
N TYR B 116 -5.17 14.31 -10.28
CA TYR B 116 -6.20 14.24 -9.28
C TYR B 116 -5.76 13.18 -8.31
N THR B 117 -5.84 13.48 -7.01
CA THR B 117 -5.57 12.45 -6.03
C THR B 117 -6.40 12.72 -4.78
N VAL B 118 -6.97 11.65 -4.19
CA VAL B 118 -7.72 11.79 -2.99
C VAL B 118 -7.48 10.54 -2.12
N GLN B 119 -7.30 10.76 -0.82
CA GLN B 119 -7.35 9.67 0.16
C GLN B 119 -8.76 9.12 0.25
N HIS B 120 -8.91 7.82 0.31
CA HIS B 120 -10.26 7.21 0.53
C HIS B 120 -10.87 7.78 1.82
N SER B 121 -12.13 8.20 1.74
CA SER B 121 -12.72 8.97 2.81
C SER B 121 -14.18 9.27 2.54
N PRO B 122 -15.00 9.32 3.57
CA PRO B 122 -16.40 9.71 3.35
C PRO B 122 -16.50 11.13 2.86
N GLN B 123 -15.42 11.94 3.04
CA GLN B 123 -15.41 13.29 2.45
C GLN B 123 -15.56 13.26 0.91
N ASN B 124 -15.34 12.12 0.28
CA ASN B 124 -15.39 12.14 -1.20
C ASN B 124 -16.75 11.92 -1.83
N ASN B 125 -17.84 11.99 -1.07
CA ASN B 125 -19.19 11.86 -1.63
C ASN B 125 -20.04 12.81 -0.80
N PRO B 126 -20.90 13.59 -1.46
CA PRO B 126 -21.54 14.67 -0.70
C PRO B 126 -22.42 14.12 0.48
N PHE B 127 -23.03 12.97 0.33
CA PHE B 127 -23.89 12.40 1.39
C PHE B 127 -23.10 11.69 2.45
N THR B 128 -22.09 10.90 2.06
CA THR B 128 -21.19 10.42 3.12
C THR B 128 -20.48 11.58 3.85
N ALA B 129 -20.19 12.71 3.18
CA ALA B 129 -19.56 13.81 3.91
C ALA B 129 -20.49 14.34 5.00
N VAL B 130 -21.79 14.49 4.67
CA VAL B 130 -22.82 14.95 5.66
C VAL B 130 -23.03 13.85 6.76
N LEU B 131 -23.21 12.60 6.37
CA LEU B 131 -23.52 11.56 7.39
C LEU B 131 -22.31 11.35 8.35
N SER B 132 -21.08 11.57 7.88
CA SER B 132 -19.94 11.30 8.74
C SER B 132 -19.97 12.21 9.95
N GLN B 133 -20.69 13.33 9.93
CA GLN B 133 -20.75 14.19 11.10
C GLN B 133 -21.53 13.56 12.20
N MET B 134 -22.38 12.58 11.95
CA MET B 134 -23.14 11.94 13.05
C MET B 134 -22.81 10.48 13.29
N TYR B 135 -21.70 10.00 12.74
CA TYR B 135 -21.31 8.60 13.05
C TYR B 135 -19.85 8.64 13.47
N ALA B 136 -19.53 7.81 14.45
CA ALA B 136 -18.15 7.74 14.94
C ALA B 136 -17.21 6.84 14.15
N GLY B 137 -17.72 6.11 13.16
CA GLY B 137 -16.86 5.24 12.36
C GLY B 137 -17.51 4.79 11.03
N TRP B 138 -16.69 4.32 10.12
CA TRP B 138 -17.12 3.88 8.80
C TRP B 138 -16.22 2.75 8.28
N ALA B 139 -16.71 2.01 7.26
CA ALA B 139 -15.92 0.97 6.68
C ALA B 139 -16.44 0.81 5.27
N GLY B 140 -15.66 0.14 4.43
CA GLY B 140 -16.09 -0.18 3.08
C GLY B 140 -15.49 0.70 1.99
N GLY B 141 -15.94 0.50 0.76
CA GLY B 141 -15.27 1.00 -0.45
C GLY B 141 -16.05 2.15 -1.06
N MET B 142 -15.52 2.74 -2.13
CA MET B 142 -16.26 3.84 -2.79
C MET B 142 -15.96 3.78 -4.27
N GLN B 143 -16.98 4.04 -5.09
CA GLN B 143 -16.77 4.02 -6.52
C GLN B 143 -16.62 5.41 -7.01
N PHE B 144 -15.83 5.60 -8.07
CA PHE B 144 -15.52 6.91 -8.68
C PHE B 144 -15.76 6.74 -10.14
N ARG B 145 -16.46 7.69 -10.74
CA ARG B 145 -16.79 7.57 -12.13
C ARG B 145 -16.37 8.84 -12.78
N PHE B 146 -15.72 8.75 -13.93
CA PHE B 146 -15.06 9.93 -14.58
C PHE B 146 -15.74 10.23 -15.89
N ILE B 147 -16.12 11.46 -16.08
CA ILE B 147 -16.77 11.81 -17.31
C ILE B 147 -15.86 12.81 -18.00
N VAL B 148 -15.22 12.34 -19.07
CA VAL B 148 -14.21 13.11 -19.75
C VAL B 148 -14.90 13.95 -20.84
N ALA B 149 -14.83 15.27 -20.77
CA ALA B 149 -15.46 16.06 -21.80
C ALA B 149 -14.53 16.17 -23.05
N GLY B 150 -14.29 15.03 -23.70
CA GLY B 150 -13.30 14.90 -24.77
C GLY B 150 -13.89 14.87 -26.18
N SER B 151 -15.22 14.90 -26.26
CA SER B 151 -15.93 14.90 -27.58
C SER B 151 -15.74 13.60 -28.42
N GLY B 152 -15.20 12.56 -27.78
CA GLY B 152 -14.73 11.38 -28.47
C GLY B 152 -13.70 11.58 -29.57
N VAL B 153 -13.01 12.75 -29.59
CA VAL B 153 -11.98 13.10 -30.64
C VAL B 153 -10.58 13.49 -30.10
N PHE B 154 -10.46 13.88 -28.85
CA PHE B 154 -9.11 14.03 -28.32
C PHE B 154 -8.41 12.66 -28.23
N GLY B 155 -7.12 12.60 -28.45
CA GLY B 155 -6.41 11.35 -28.11
C GLY B 155 -5.83 11.53 -26.70
N GLY B 156 -5.35 10.44 -26.11
CA GLY B 156 -4.63 10.48 -24.85
C GLY B 156 -5.33 9.56 -23.87
N ARG B 157 -4.65 9.21 -22.75
CA ARG B 157 -5.22 8.31 -21.74
C ARG B 157 -4.72 8.67 -20.37
N LEU B 158 -5.59 8.54 -19.39
CA LEU B 158 -5.16 8.60 -17.98
C LEU B 158 -5.27 7.17 -17.40
N VAL B 159 -4.53 6.91 -16.34
CA VAL B 159 -4.77 5.77 -15.50
C VAL B 159 -5.26 6.25 -14.16
N ALA B 160 -6.40 5.70 -13.69
CA ALA B 160 -6.82 5.93 -12.31
C ALA B 160 -6.36 4.71 -11.53
N ALA B 161 -5.53 4.90 -10.48
CA ALA B 161 -5.00 3.73 -9.79
C ALA B 161 -5.27 3.86 -8.26
N VAL B 162 -5.41 2.75 -7.57
CA VAL B 162 -5.67 2.75 -6.14
C VAL B 162 -4.35 2.38 -5.50
N ILE B 163 -3.81 3.29 -4.73
CA ILE B 163 -2.39 3.14 -4.29
C ILE B 163 -2.37 2.71 -2.82
N PRO B 164 -1.63 1.65 -2.47
CA PRO B 164 -1.65 1.14 -1.09
C PRO B 164 -0.78 2.08 -0.18
N PRO B 165 -0.89 2.01 1.14
CA PRO B 165 -0.07 2.77 2.10
C PRO B 165 1.43 2.53 1.91
N GLY B 166 2.21 3.58 2.09
CA GLY B 166 3.69 3.46 2.08
C GLY B 166 4.33 3.82 0.75
N ILE B 167 3.54 3.68 -0.33
CA ILE B 167 3.97 4.02 -1.67
C ILE B 167 3.99 5.56 -1.89
N GLU B 168 5.06 6.07 -2.47
CA GLU B 168 5.18 7.47 -2.81
C GLU B 168 4.95 7.70 -4.29
N ILE B 169 4.01 8.53 -4.61
CA ILE B 169 3.71 8.87 -5.98
C ILE B 169 4.05 10.32 -6.14
N GLY B 170 4.64 10.71 -7.25
CA GLY B 170 4.95 9.80 -8.31
C GLY B 170 5.24 10.34 -9.70
N PRO B 171 5.30 11.64 -9.92
CA PRO B 171 5.64 12.16 -11.25
C PRO B 171 6.53 11.15 -11.83
N GLY B 172 6.21 10.49 -12.92
CA GLY B 172 7.03 9.39 -13.39
C GLY B 172 6.94 7.98 -12.74
N LEU B 173 6.07 7.75 -11.77
CA LEU B 173 5.89 6.47 -11.11
C LEU B 173 5.06 5.52 -12.01
N GLU B 174 5.28 4.23 -11.94
CA GLU B 174 4.49 3.30 -12.74
C GLU B 174 3.27 2.82 -11.91
N VAL B 175 2.10 3.32 -12.25
CA VAL B 175 0.91 3.07 -11.42
C VAL B 175 0.03 1.89 -11.92
N ARG B 176 0.33 1.38 -13.12
CA ARG B 176 -0.47 0.26 -13.65
C ARG B 176 -0.18 -1.06 -12.91
N GLN B 177 0.93 -1.10 -12.16
CA GLN B 177 1.20 -2.27 -11.36
C GLN B 177 0.16 -2.35 -10.19
N PHE B 178 -0.53 -1.22 -9.88
CA PHE B 178 -1.60 -1.23 -8.82
C PHE B 178 -2.98 -1.44 -9.47
N PRO B 179 -4.00 -1.82 -8.66
CA PRO B 179 -5.32 -2.00 -9.28
C PRO B 179 -5.75 -0.67 -9.93
N HIS B 180 -6.22 -0.72 -11.17
CA HIS B 180 -6.37 0.53 -11.95
C HIS B 180 -7.31 0.32 -13.08
N VAL B 181 -7.81 1.45 -13.64
CA VAL B 181 -8.57 1.38 -14.89
C VAL B 181 -7.99 2.46 -15.80
N VAL B 182 -8.18 2.33 -17.12
CA VAL B 182 -7.62 3.32 -18.09
C VAL B 182 -8.77 4.15 -18.59
N ILE B 183 -8.57 5.46 -18.75
CA ILE B 183 -9.58 6.33 -19.21
C ILE B 183 -9.09 6.96 -20.52
N ASP B 184 -9.69 6.56 -21.63
CA ASP B 184 -9.38 7.14 -22.94
C ASP B 184 -10.01 8.53 -23.09
N ALA B 185 -9.26 9.51 -23.60
CA ALA B 185 -9.82 10.81 -23.95
C ALA B 185 -10.95 10.67 -24.94
N ARG B 186 -10.88 9.64 -25.76
CA ARG B 186 -11.82 9.56 -26.83
C ARG B 186 -13.13 8.91 -26.40
N SER B 187 -13.19 8.36 -25.20
CA SER B 187 -14.42 7.66 -24.84
C SER B 187 -15.57 8.60 -24.55
N LEU B 188 -16.75 8.16 -24.96
CA LEU B 188 -17.91 8.98 -24.77
C LEU B 188 -18.66 8.49 -23.55
N GLU B 189 -18.26 7.32 -23.05
CA GLU B 189 -18.99 6.62 -22.00
C GLU B 189 -18.22 6.85 -20.70
N PRO B 190 -18.90 7.14 -19.56
CA PRO B 190 -18.19 7.22 -18.28
C PRO B 190 -17.37 5.95 -17.96
N VAL B 191 -16.23 6.16 -17.31
CA VAL B 191 -15.36 5.06 -16.80
C VAL B 191 -15.42 5.03 -15.29
N THR B 192 -15.70 3.84 -14.71
CA THR B 192 -15.85 3.67 -13.24
C THR B 192 -14.76 2.86 -12.65
N ILE B 193 -14.26 3.26 -11.48
CA ILE B 193 -13.32 2.40 -10.77
C ILE B 193 -13.80 2.20 -9.37
N THR B 194 -13.61 0.99 -8.85
CA THR B 194 -13.86 0.71 -7.45
C THR B 194 -12.59 0.88 -6.65
N MET B 195 -12.69 1.63 -5.53
CA MET B 195 -11.59 1.74 -4.55
C MET B 195 -12.06 1.05 -3.28
N PRO B 196 -11.66 -0.21 -3.06
CA PRO B 196 -12.08 -0.96 -1.90
C PRO B 196 -11.35 -0.43 -0.71
N ASP B 197 -11.94 -0.59 0.45
CA ASP B 197 -11.23 -0.30 1.68
C ASP B 197 -9.99 -1.19 1.77
N LEU B 198 -9.05 -0.82 2.64
CA LEU B 198 -7.77 -1.54 2.68
C LEU B 198 -7.92 -3.05 3.14
N ARG B 199 -8.74 -3.24 4.17
CA ARG B 199 -9.02 -4.56 4.75
C ARG B 199 -10.47 -4.73 5.09
N PRO B 200 -11.01 -5.93 4.89
CA PRO B 200 -12.41 -6.08 5.30
C PRO B 200 -12.48 -6.28 6.84
N ASN B 201 -13.67 -6.11 7.40
CA ASN B 201 -13.91 -6.28 8.85
C ASN B 201 -13.02 -5.45 9.78
N MET B 202 -12.77 -4.21 9.38
CA MET B 202 -11.94 -3.28 10.15
C MET B 202 -12.67 -1.97 9.98
N TYR B 203 -12.64 -1.12 10.99
CA TYR B 203 -13.46 0.09 11.01
C TYR B 203 -12.58 1.29 11.30
N HIS B 204 -12.89 2.41 10.64
CA HIS B 204 -12.08 3.62 10.73
C HIS B 204 -12.81 4.53 11.68
N PRO B 205 -12.16 4.95 12.80
CA PRO B 205 -12.74 6.02 13.56
C PRO B 205 -12.80 7.25 12.70
N THR B 206 -13.95 7.94 12.71
CA THR B 206 -14.13 9.10 11.84
C THR B 206 -13.11 10.18 12.03
N GLY B 207 -12.78 10.47 13.31
CA GLY B 207 -11.78 11.52 13.58
C GLY B 207 -10.32 11.06 13.47
N ASP B 208 -10.11 9.76 13.26
CA ASP B 208 -8.71 9.18 13.26
C ASP B 208 -8.72 7.89 12.40
N PRO B 209 -8.81 8.04 11.07
CA PRO B 209 -9.21 6.88 10.29
C PRO B 209 -8.02 5.91 10.12
N GLY B 210 -6.78 6.41 10.24
CA GLY B 210 -5.64 5.48 10.12
C GLY B 210 -5.38 5.29 8.63
N LEU B 211 -4.81 4.14 8.25
CA LEU B 211 -4.23 3.96 6.94
C LEU B 211 -5.39 3.70 6.00
N VAL B 212 -5.40 4.36 4.85
CA VAL B 212 -6.39 4.11 3.83
C VAL B 212 -5.66 4.06 2.45
N PRO B 213 -6.29 3.43 1.43
CA PRO B 213 -5.81 3.59 0.05
C PRO B 213 -5.97 5.05 -0.43
N THR B 214 -5.22 5.36 -1.48
CA THR B 214 -5.29 6.63 -2.23
C THR B 214 -5.63 6.40 -3.71
N LEU B 215 -6.57 7.17 -4.26
CA LEU B 215 -6.86 7.13 -5.68
C LEU B 215 -5.97 8.17 -6.32
N VAL B 216 -5.24 7.85 -7.40
CA VAL B 216 -4.53 8.89 -8.14
C VAL B 216 -4.78 8.76 -9.60
N LEU B 217 -4.84 9.91 -10.30
CA LEU B 217 -5.06 9.94 -11.73
C LEU B 217 -3.80 10.46 -12.39
N SER B 218 -3.18 9.64 -13.27
CA SER B 218 -1.89 9.94 -13.83
C SER B 218 -2.02 9.99 -15.36
N VAL B 219 -1.30 10.91 -16.01
CA VAL B 219 -1.32 10.94 -17.49
C VAL B 219 -0.49 9.75 -17.96
N TYR B 220 -1.11 8.88 -18.74
CA TYR B 220 -0.42 7.74 -19.32
C TYR B 220 0.02 8.08 -20.80
N ASN B 221 -0.89 8.59 -21.62
CA ASN B 221 -0.53 9.12 -22.93
C ASN B 221 -1.04 10.54 -22.97
N ASN B 222 -0.17 11.43 -23.46
CA ASN B 222 -0.41 12.88 -23.59
C ASN B 222 -1.76 13.18 -24.22
N LEU B 223 -2.49 14.13 -23.65
CA LEU B 223 -3.70 14.58 -24.33
C LEU B 223 -3.28 15.15 -25.68
N ILE B 224 -4.08 14.90 -26.74
CA ILE B 224 -3.75 15.39 -28.10
C ILE B 224 -4.99 16.01 -28.67
N ASN B 225 -4.88 17.29 -28.96
CA ASN B 225 -5.94 18.06 -29.54
C ASN B 225 -5.83 17.91 -31.06
N PRO B 226 -6.66 17.00 -31.69
CA PRO B 226 -6.48 16.66 -33.13
C PRO B 226 -6.74 17.86 -34.09
N PHE B 227 -7.27 18.98 -33.54
CA PHE B 227 -7.48 20.22 -34.31
C PHE B 227 -6.45 21.32 -34.01
N GLY B 228 -5.57 21.03 -33.08
CA GLY B 228 -4.58 21.94 -32.56
C GLY B 228 -5.05 23.19 -31.81
N GLY B 229 -6.27 23.62 -31.92
CA GLY B 229 -6.55 24.84 -31.19
C GLY B 229 -7.86 24.96 -30.45
N SER B 230 -7.89 25.94 -29.56
CA SER B 230 -9.05 26.15 -28.71
C SER B 230 -8.52 26.30 -27.29
N THR B 231 -9.04 25.52 -26.37
CA THR B 231 -8.55 25.65 -25.01
C THR B 231 -7.34 24.75 -24.80
N ASN B 232 -7.16 23.76 -25.66
CA ASN B 232 -6.13 22.73 -25.45
C ASN B 232 -6.21 22.06 -24.06
N ALA B 233 -7.39 22.15 -23.44
CA ALA B 233 -7.62 21.41 -22.19
C ALA B 233 -9.08 20.93 -22.15
N ILE B 234 -9.34 19.91 -21.34
CA ILE B 234 -10.73 19.47 -21.16
C ILE B 234 -10.98 19.25 -19.66
N GLN B 235 -12.27 19.17 -19.31
CA GLN B 235 -12.69 19.05 -17.93
C GLN B 235 -12.98 17.60 -17.64
N VAL B 236 -12.55 17.06 -16.49
CA VAL B 236 -12.98 15.70 -16.23
C VAL B 236 -13.85 15.77 -14.95
N THR B 237 -15.10 15.27 -15.02
CA THR B 237 -16.03 15.29 -13.88
C THR B 237 -15.86 14.00 -13.09
N VAL B 238 -15.66 14.17 -11.80
CA VAL B 238 -15.62 13.06 -10.84
C VAL B 238 -16.96 12.89 -10.12
N GLU B 239 -17.63 11.77 -10.35
CA GLU B 239 -18.82 11.45 -9.56
C GLU B 239 -18.48 10.26 -8.65
N THR B 240 -19.10 10.21 -7.47
CA THR B 240 -18.86 9.06 -6.55
C THR B 240 -20.14 8.36 -6.04
N ARG B 241 -19.99 7.13 -5.56
CA ARG B 241 -21.15 6.45 -4.90
C ARG B 241 -20.47 5.47 -3.96
N PRO B 242 -20.94 5.30 -2.71
CA PRO B 242 -20.45 4.23 -1.81
C PRO B 242 -20.66 2.89 -2.46
N SER B 243 -19.69 2.02 -2.30
CA SER B 243 -19.84 0.64 -2.74
C SER B 243 -20.91 0.03 -1.88
N ASP B 244 -21.37 -1.16 -2.31
CA ASP B 244 -22.39 -1.86 -1.55
C ASP B 244 -21.92 -2.17 -0.13
N ASP B 245 -20.62 -2.34 0.05
CA ASP B 245 -20.15 -2.59 1.40
C ASP B 245 -19.93 -1.42 2.30
N PHE B 246 -20.20 -0.20 1.83
CA PHE B 246 -19.93 0.96 2.70
C PHE B 246 -20.90 1.00 3.88
N GLU B 247 -20.40 1.17 5.09
CA GLU B 247 -21.22 1.16 6.29
C GLU B 247 -20.76 2.30 7.23
N PHE B 248 -21.70 2.91 7.92
CA PHE B 248 -21.45 3.84 8.98
C PHE B 248 -21.84 3.09 10.28
N VAL B 249 -21.13 3.38 11.36
CA VAL B 249 -21.36 2.78 12.64
C VAL B 249 -21.25 3.79 13.75
N MET B 250 -21.94 3.51 14.81
CA MET B 250 -21.91 4.30 16.02
C MET B 250 -22.38 5.73 15.93
N ILE B 251 -23.69 5.88 15.90
CA ILE B 251 -24.30 7.17 15.86
C ILE B 251 -23.72 7.97 16.98
N ARG B 252 -23.30 9.16 16.69
CA ARG B 252 -22.74 10.05 17.70
C ARG B 252 -23.06 11.53 17.39
N ALA B 253 -23.61 12.24 18.37
CA ALA B 253 -23.96 13.66 18.21
C ALA B 253 -22.72 14.48 18.00
N PRO B 254 -22.74 15.48 17.14
CA PRO B 254 -21.49 16.23 16.92
C PRO B 254 -20.92 16.98 18.17
#